data_4LQX
#
_entry.id   4LQX
#
_cell.length_a   69.400
_cell.length_b   96.579
_cell.length_c   116.830
_cell.angle_alpha   90.000
_cell.angle_beta   90.000
_cell.angle_gamma   90.000
#
_symmetry.space_group_name_H-M   'P 21 21 21'
#
loop_
_entity.id
_entity.type
_entity.pdbx_description
1 polymer 'TENA/THI-4 domain-containing protein'
2 non-polymer 'ZINC ION'
3 non-polymer 'UNKNOWN LIGAND'
4 non-polymer 'SULFATE ION'
5 non-polymer 'CHLORIDE ION'
6 non-polymer 1,2-ETHANEDIOL
7 water water
#
_entity_poly.entity_id   1
_entity_poly.type   'polypeptide(L)'
_entity_poly.pdbx_seq_one_letter_code
;(MSE)GSDKIHHHHHHENLYFQG(MSE)PLCPSCE(MSE)KFNSWEDLAKH(MSE)DLIANTNSDKSHV(MSE)WLNRNI
S(MSE)KR(MSE)EVNELANALERFFSTPNSLS(MSE)WIRTRFIERFYGDNPHPFIVA(MSE)QNPTKGVLLGYVIEHQ
HFLKNWVKVLSSIVFKTDKDDVLQYELENISVEFIGYNGRPAHYELLLR(MSE)GEALG(MSE)PREKILSTQPLPSTQS
AIKTWRKIAESKTWLET(MSE)AS(MSE)HSLELVADRSLVKYGAKLPYFNPEILSSDEYPQAVKDFLREGYEADVSHAG
EALE(MSE)VEKYTEE(MSE)E(MSE)KEQVQITVLKSFDAFSKYLLARLERGFEIEPSLLKRVIK
;
_entity_poly.pdbx_strand_id   A,B
#
# COMPACT_ATOMS: atom_id res chain seq x y z
N GLY A 19 -7.88 4.01 -31.20
CA GLY A 19 -8.73 3.41 -32.22
C GLY A 19 -8.21 2.07 -32.75
N PRO A 21 -6.98 -1.53 -32.62
CA PRO A 21 -7.00 -2.61 -31.62
C PRO A 21 -5.58 -3.08 -31.22
N LEU A 22 -5.45 -3.44 -29.95
CA LEU A 22 -4.23 -3.95 -29.33
C LEU A 22 -4.26 -5.45 -29.33
N CYS A 23 -3.10 -6.09 -29.49
CA CYS A 23 -3.05 -7.55 -29.37
C CYS A 23 -3.22 -7.92 -27.91
N PRO A 24 -4.19 -8.80 -27.59
CA PRO A 24 -4.44 -9.15 -26.18
C PRO A 24 -3.33 -9.98 -25.53
N SER A 25 -2.35 -10.45 -26.36
CA SER A 25 -1.23 -11.26 -25.92
CA SER A 25 -1.21 -11.26 -25.92
C SER A 25 0.05 -10.42 -25.78
N CYS A 26 0.59 -9.90 -26.90
CA CYS A 26 1.84 -9.14 -26.91
C CYS A 26 1.67 -7.61 -26.82
N GLU A 27 0.41 -7.13 -26.79
CA GLU A 27 0.02 -5.71 -26.60
C GLU A 27 0.51 -4.75 -27.74
N LYS A 29 -0.01 -2.79 -31.42
CA LYS A 29 -1.17 -2.06 -31.96
C LYS A 29 -1.38 -2.35 -33.44
N PHE A 30 -2.64 -2.42 -33.92
CA PHE A 30 -2.91 -2.74 -35.36
C PHE A 30 -3.93 -1.79 -35.95
N ASN A 31 -3.88 -1.55 -37.26
CA ASN A 31 -4.76 -0.56 -37.89
C ASN A 31 -6.26 -0.97 -37.95
N SER A 32 -6.53 -2.28 -37.88
CA SER A 32 -7.88 -2.83 -37.94
C SER A 32 -7.96 -4.17 -37.20
N TRP A 33 -9.19 -4.68 -37.03
CA TRP A 33 -9.46 -6.00 -36.43
C TRP A 33 -8.92 -7.11 -37.34
N GLU A 34 -8.99 -6.90 -38.67
CA GLU A 34 -8.46 -7.83 -39.69
C GLU A 34 -6.93 -7.94 -39.55
N ASP A 35 -6.25 -6.80 -39.34
CA ASP A 35 -4.81 -6.71 -39.16
C ASP A 35 -4.37 -7.42 -37.87
N LEU A 36 -5.12 -7.21 -36.77
CA LEU A 36 -4.87 -7.93 -35.51
C LEU A 36 -5.09 -9.44 -35.71
N ALA A 37 -6.20 -9.84 -36.42
CA ALA A 37 -6.50 -11.24 -36.69
C ALA A 37 -5.40 -11.89 -37.53
N LYS A 38 -4.87 -11.16 -38.54
CA LYS A 38 -3.77 -11.58 -39.40
C LYS A 38 -2.53 -11.86 -38.52
N HIS A 39 -2.18 -10.89 -37.62
CA HIS A 39 -1.06 -10.96 -36.69
C HIS A 39 -1.16 -12.17 -35.79
N ASP A 41 -3.09 -14.88 -36.03
CA ASP A 41 -3.08 -16.11 -36.84
C ASP A 41 -1.66 -16.45 -37.27
N LEU A 42 -0.88 -15.45 -37.70
CA LEU A 42 0.51 -15.65 -38.11
C LEU A 42 1.39 -16.16 -36.95
N ILE A 43 1.33 -15.48 -35.78
CA ILE A 43 2.12 -15.83 -34.59
C ILE A 43 1.65 -17.16 -33.99
N ALA A 44 0.33 -17.42 -33.91
CA ALA A 44 -0.18 -18.66 -33.35
C ALA A 44 0.23 -19.88 -34.19
N ASN A 45 0.37 -19.70 -35.53
CA ASN A 45 0.79 -20.76 -36.46
C ASN A 45 2.32 -20.72 -36.71
N THR A 46 3.07 -20.69 -35.59
CA THR A 46 4.53 -20.78 -35.44
C THR A 46 4.81 -21.69 -34.25
N ASN A 47 5.85 -22.53 -34.36
CA ASN A 47 6.26 -23.50 -33.33
C ASN A 47 6.69 -22.82 -32.00
N SER A 48 7.49 -21.72 -32.12
CA SER A 48 8.05 -20.92 -31.03
C SER A 48 6.99 -20.30 -30.10
N ASP A 49 5.86 -19.81 -30.65
CA ASP A 49 4.82 -19.18 -29.85
C ASP A 49 3.94 -20.19 -29.09
N LYS A 50 3.56 -19.78 -27.87
CA LYS A 50 2.68 -20.50 -26.94
C LYS A 50 1.57 -19.55 -26.48
N SER A 51 1.95 -18.31 -26.19
CA SER A 51 1.13 -17.23 -25.67
C SER A 51 -0.11 -16.89 -26.53
N HIS A 52 0.07 -16.65 -27.85
CA HIS A 52 -1.02 -16.23 -28.73
C HIS A 52 -2.07 -17.36 -28.93
N VAL A 53 -1.59 -18.61 -29.14
CA VAL A 53 -2.48 -19.76 -29.32
C VAL A 53 -3.25 -20.04 -28.00
N TRP A 55 -4.05 -17.81 -25.68
CA TRP A 55 -5.02 -16.73 -25.55
C TRP A 55 -6.27 -17.03 -26.39
N LEU A 56 -6.08 -17.42 -27.67
CA LEU A 56 -7.16 -17.74 -28.59
C LEU A 56 -7.96 -18.95 -28.09
N ASN A 57 -7.27 -19.99 -27.56
CA ASN A 57 -7.89 -21.18 -27.01
C ASN A 57 -8.78 -20.86 -25.79
N ARG A 58 -8.28 -20.02 -24.87
CA ARG A 58 -8.98 -19.67 -23.65
C ARG A 58 -10.10 -18.67 -23.86
N ASN A 59 -9.98 -17.77 -24.86
CA ASN A 59 -10.95 -16.71 -25.04
C ASN A 59 -11.83 -16.80 -26.30
N ILE A 60 -11.32 -17.33 -27.41
CA ILE A 60 -12.11 -17.35 -28.63
C ILE A 60 -12.56 -18.77 -28.95
N SER A 61 -11.66 -19.62 -29.48
CA SER A 61 -12.02 -20.97 -29.88
C SER A 61 -10.84 -21.91 -29.84
N LYS A 63 -10.75 -24.64 -32.13
CA LYS A 63 -10.58 -24.88 -33.57
C LYS A 63 -10.07 -23.62 -34.27
N ARG A 64 -9.15 -23.80 -35.22
CA ARG A 64 -8.57 -22.72 -36.03
C ARG A 64 -9.64 -22.02 -36.84
N GLU A 66 -10.27 -18.81 -39.98
CA GLU A 66 -9.60 -18.02 -41.01
C GLU A 66 -9.57 -16.54 -40.52
N VAL A 67 -8.66 -15.72 -41.03
CA VAL A 67 -8.46 -14.33 -40.60
C VAL A 67 -9.79 -13.56 -40.45
N ASN A 68 -10.69 -13.68 -41.44
CA ASN A 68 -11.99 -12.99 -41.51
C ASN A 68 -12.90 -13.40 -40.39
N GLU A 69 -12.99 -14.70 -40.08
CA GLU A 69 -13.90 -15.09 -39.01
C GLU A 69 -13.27 -14.74 -37.65
N LEU A 70 -11.94 -14.74 -37.53
CA LEU A 70 -11.22 -14.33 -36.32
C LEU A 70 -11.38 -12.81 -36.08
N ALA A 71 -11.28 -11.98 -37.15
CA ALA A 71 -11.45 -10.52 -37.05
C ALA A 71 -12.81 -10.17 -36.45
N ASN A 72 -13.87 -10.83 -36.96
CA ASN A 72 -15.24 -10.65 -36.48
C ASN A 72 -15.37 -11.16 -35.05
N ALA A 73 -14.76 -12.33 -34.74
CA ALA A 73 -14.77 -12.92 -33.39
C ALA A 73 -14.04 -11.99 -32.38
N LEU A 74 -12.89 -11.40 -32.78
CA LEU A 74 -12.13 -10.49 -31.91
C LEU A 74 -12.90 -9.22 -31.66
N GLU A 75 -13.45 -8.61 -32.73
CA GLU A 75 -14.22 -7.37 -32.64
C GLU A 75 -15.39 -7.52 -31.71
N ARG A 76 -16.14 -8.63 -31.85
CA ARG A 76 -17.30 -8.95 -31.01
C ARG A 76 -16.91 -9.20 -29.54
N PHE A 77 -15.83 -9.94 -29.32
CA PHE A 77 -15.30 -10.27 -27.99
C PHE A 77 -14.95 -9.00 -27.21
N PHE A 78 -14.34 -8.00 -27.85
CA PHE A 78 -13.91 -6.79 -27.14
C PHE A 78 -14.96 -5.68 -27.09
N SER A 79 -15.94 -5.69 -27.97
CA SER A 79 -16.90 -4.59 -27.97
C SER A 79 -18.28 -4.96 -27.42
N THR A 80 -18.53 -6.26 -27.19
CA THR A 80 -19.83 -6.71 -26.70
C THR A 80 -19.65 -7.62 -25.48
N PRO A 81 -20.31 -7.31 -24.32
CA PRO A 81 -21.13 -6.12 -24.00
C PRO A 81 -20.34 -4.82 -24.12
N ASN A 82 -21.03 -3.69 -24.38
CA ASN A 82 -20.37 -2.37 -24.46
C ASN A 82 -19.94 -1.86 -23.06
N SER A 83 -20.77 -2.06 -22.02
CA SER A 83 -20.47 -1.68 -20.64
C SER A 83 -19.31 -2.53 -20.12
N LEU A 84 -18.24 -1.89 -19.62
CA LEU A 84 -17.05 -2.60 -19.16
C LEU A 84 -17.36 -3.51 -17.99
N SER A 85 -18.19 -3.02 -17.05
CA SER A 85 -18.67 -3.77 -15.90
C SER A 85 -19.37 -5.06 -16.35
N TRP A 87 -19.07 -6.38 -19.40
CA TRP A 87 -18.09 -7.10 -20.20
C TRP A 87 -17.21 -7.98 -19.29
N ILE A 88 -16.74 -7.42 -18.15
CA ILE A 88 -15.89 -8.16 -17.19
C ILE A 88 -16.71 -9.34 -16.63
N ARG A 89 -17.96 -9.05 -16.25
CA ARG A 89 -18.89 -10.05 -15.72
C ARG A 89 -19.15 -11.17 -16.74
N THR A 90 -19.46 -10.82 -18.01
CA THR A 90 -19.79 -11.80 -19.07
C THR A 90 -18.55 -12.67 -19.35
N ARG A 91 -17.36 -12.05 -19.47
CA ARG A 91 -16.12 -12.79 -19.76
C ARG A 91 -15.76 -13.72 -18.63
N PHE A 92 -15.97 -13.26 -17.36
CA PHE A 92 -15.69 -14.05 -16.15
C PHE A 92 -16.52 -15.32 -16.13
N ILE A 93 -17.84 -15.17 -16.39
CA ILE A 93 -18.80 -16.27 -16.42
C ILE A 93 -18.39 -17.27 -17.50
N GLU A 94 -18.01 -16.80 -18.70
CA GLU A 94 -17.61 -17.68 -19.80
C GLU A 94 -16.38 -18.44 -19.48
N ARG A 95 -15.46 -17.81 -18.78
CA ARG A 95 -14.18 -18.39 -18.41
C ARG A 95 -14.28 -19.43 -17.31
N PHE A 96 -14.98 -19.13 -16.20
CA PHE A 96 -15.02 -19.99 -15.01
C PHE A 96 -16.32 -20.74 -14.79
N TYR A 97 -17.47 -20.22 -15.29
CA TYR A 97 -18.81 -20.77 -15.03
C TYR A 97 -19.58 -21.07 -16.32
N GLY A 98 -18.82 -21.36 -17.38
CA GLY A 98 -19.37 -21.63 -18.71
C GLY A 98 -19.73 -23.09 -18.90
N ASP A 99 -19.65 -23.52 -20.15
CA ASP A 99 -19.97 -24.90 -20.57
C ASP A 99 -19.06 -25.89 -19.84
N ASN A 100 -17.77 -25.51 -19.66
CA ASN A 100 -16.78 -26.29 -18.91
C ASN A 100 -16.28 -25.45 -17.73
N PRO A 101 -17.04 -25.50 -16.60
CA PRO A 101 -16.65 -24.72 -15.41
C PRO A 101 -15.31 -25.16 -14.88
N HIS A 102 -14.62 -24.26 -14.17
CA HIS A 102 -13.31 -24.55 -13.62
C HIS A 102 -13.38 -25.80 -12.74
N PRO A 103 -12.40 -26.72 -12.88
CA PRO A 103 -12.39 -27.96 -12.03
C PRO A 103 -12.51 -27.68 -10.53
N PHE A 104 -11.93 -26.55 -10.02
CA PHE A 104 -12.04 -26.23 -8.61
C PHE A 104 -13.51 -25.93 -8.26
N ILE A 105 -14.21 -25.17 -9.12
CA ILE A 105 -15.60 -24.78 -8.91
C ILE A 105 -16.50 -26.03 -8.94
N VAL A 106 -16.20 -27.00 -9.84
CA VAL A 106 -16.92 -28.28 -9.95
C VAL A 106 -16.75 -29.04 -8.61
N ALA A 107 -15.51 -29.08 -8.08
CA ALA A 107 -15.16 -29.75 -6.83
C ALA A 107 -15.77 -29.05 -5.62
N GLN A 109 -18.69 -27.58 -5.47
CA GLN A 109 -20.16 -27.75 -5.40
C GLN A 109 -20.57 -28.42 -4.11
N ASN A 110 -19.99 -29.59 -3.81
CA ASN A 110 -20.20 -30.35 -2.56
C ASN A 110 -18.79 -30.77 -2.13
N PRO A 111 -18.10 -29.87 -1.41
CA PRO A 111 -16.67 -30.09 -1.15
C PRO A 111 -16.36 -31.06 -0.05
N THR A 112 -15.28 -31.79 -0.26
CA THR A 112 -14.72 -32.70 0.72
C THR A 112 -13.85 -31.86 1.68
N LYS A 113 -13.35 -32.47 2.76
CA LYS A 113 -12.41 -31.88 3.71
C LYS A 113 -11.14 -31.42 2.96
N GLY A 114 -10.70 -32.22 1.99
CA GLY A 114 -9.52 -31.98 1.17
C GLY A 114 -9.66 -30.78 0.26
N VAL A 115 -10.86 -30.62 -0.38
CA VAL A 115 -11.18 -29.47 -1.23
C VAL A 115 -11.09 -28.20 -0.38
N LEU A 116 -11.74 -28.23 0.81
CA LEU A 116 -11.82 -27.09 1.71
C LEU A 116 -10.44 -26.74 2.32
N LEU A 117 -9.62 -27.74 2.63
CA LEU A 117 -8.27 -27.52 3.17
C LEU A 117 -7.31 -27.00 2.11
N GLY A 118 -7.49 -27.44 0.88
CA GLY A 118 -6.73 -26.97 -0.28
C GLY A 118 -7.03 -25.50 -0.48
N TYR A 119 -8.31 -25.14 -0.33
CA TYR A 119 -8.80 -23.75 -0.37
C TYR A 119 -8.07 -22.95 0.74
N VAL A 120 -8.14 -23.38 2.02
CA VAL A 120 -7.49 -22.73 3.18
C VAL A 120 -5.99 -22.51 2.96
N ILE A 121 -5.29 -23.56 2.55
CA ILE A 121 -3.83 -23.54 2.42
C ILE A 121 -3.35 -22.56 1.36
N GLU A 122 -3.92 -22.63 0.16
CA GLU A 122 -3.45 -21.74 -0.89
C GLU A 122 -4.04 -20.33 -0.78
N HIS A 123 -5.26 -20.20 -0.23
CA HIS A 123 -5.91 -18.89 -0.15
C HIS A 123 -5.27 -17.98 0.91
N GLN A 124 -4.59 -18.55 1.93
CA GLN A 124 -3.93 -17.72 2.96
C GLN A 124 -2.87 -16.84 2.29
N HIS A 125 -2.18 -17.40 1.27
CA HIS A 125 -1.12 -16.76 0.49
C HIS A 125 -1.75 -15.77 -0.47
N PHE A 126 -2.89 -16.15 -1.05
CA PHE A 126 -3.67 -15.28 -1.93
C PHE A 126 -4.07 -14.03 -1.15
N LEU A 127 -4.60 -14.21 0.08
CA LEU A 127 -5.07 -13.09 0.89
C LEU A 127 -3.95 -12.15 1.31
N LYS A 128 -2.73 -12.69 1.55
CA LYS A 128 -1.56 -11.87 1.85
C LYS A 128 -1.21 -11.02 0.62
N ASN A 129 -1.25 -11.59 -0.59
CA ASN A 129 -0.95 -10.85 -1.83
C ASN A 129 -2.03 -9.79 -2.10
N TRP A 130 -3.30 -10.18 -1.90
CA TRP A 130 -4.48 -9.34 -2.08
C TRP A 130 -4.34 -8.01 -1.36
N VAL A 131 -4.02 -8.05 -0.07
CA VAL A 131 -3.95 -6.85 0.76
C VAL A 131 -2.75 -5.95 0.30
N LYS A 132 -1.64 -6.57 -0.14
CA LYS A 132 -0.44 -5.88 -0.63
C LYS A 132 -0.73 -5.19 -1.97
N VAL A 133 -1.38 -5.89 -2.91
CA VAL A 133 -1.72 -5.34 -4.23
C VAL A 133 -2.77 -4.17 -4.09
N LEU A 134 -3.72 -4.30 -3.17
CA LEU A 134 -4.72 -3.26 -2.92
C LEU A 134 -4.02 -2.03 -2.31
N SER A 135 -2.96 -2.28 -1.53
CA SER A 135 -2.15 -1.24 -0.90
C SER A 135 -1.39 -0.44 -1.99
N SER A 136 -0.94 -1.09 -3.08
CA SER A 136 -0.26 -0.40 -4.20
C SER A 136 -1.27 0.55 -4.88
N ILE A 137 -2.56 0.14 -4.95
CA ILE A 137 -3.63 0.99 -5.51
C ILE A 137 -3.80 2.23 -4.63
N VAL A 138 -3.78 2.05 -3.29
CA VAL A 138 -3.92 3.16 -2.34
C VAL A 138 -2.80 4.20 -2.57
N PHE A 139 -1.58 3.71 -2.77
CA PHE A 139 -0.42 4.55 -3.00
C PHE A 139 -0.45 5.26 -4.36
N LYS A 140 -0.77 4.52 -5.45
CA LYS A 140 -0.71 5.04 -6.82
C LYS A 140 -1.96 5.79 -7.33
N THR A 141 -3.15 5.57 -6.76
CA THR A 141 -4.35 6.25 -7.24
C THR A 141 -4.33 7.76 -6.96
N ASP A 142 -5.00 8.55 -7.84
CA ASP A 142 -5.16 10.00 -7.66
C ASP A 142 -6.64 10.33 -7.43
N LYS A 143 -7.47 9.29 -7.20
CA LYS A 143 -8.91 9.40 -7.02
C LYS A 143 -9.27 9.10 -5.57
N ASP A 144 -9.94 10.06 -4.89
CA ASP A 144 -10.30 9.91 -3.47
CA ASP A 144 -10.34 9.96 -3.48
C ASP A 144 -11.29 8.77 -3.23
N ASP A 145 -12.31 8.59 -4.09
CA ASP A 145 -13.28 7.51 -3.95
C ASP A 145 -12.61 6.14 -4.08
N VAL A 146 -11.57 6.04 -4.94
CA VAL A 146 -10.80 4.79 -5.10
C VAL A 146 -9.97 4.56 -3.83
N LEU A 147 -9.31 5.60 -3.31
CA LEU A 147 -8.48 5.50 -2.11
C LEU A 147 -9.35 5.07 -0.89
N GLN A 148 -10.51 5.75 -0.69
CA GLN A 148 -11.46 5.44 0.38
C GLN A 148 -11.93 3.98 0.27
N TYR A 149 -12.31 3.53 -0.95
CA TYR A 149 -12.81 2.19 -1.22
C TYR A 149 -11.79 1.14 -0.83
N GLU A 150 -10.53 1.28 -1.31
CA GLU A 150 -9.43 0.37 -1.07
C GLU A 150 -8.94 0.38 0.40
N LEU A 151 -8.96 1.52 1.07
CA LEU A 151 -8.58 1.55 2.48
C LEU A 151 -9.63 0.78 3.32
N GLU A 152 -10.95 0.89 2.94
CA GLU A 152 -12.04 0.19 3.63
CA GLU A 152 -12.07 0.20 3.57
C GLU A 152 -11.86 -1.30 3.45
N ASN A 153 -11.43 -1.73 2.24
CA ASN A 153 -11.17 -3.12 1.88
C ASN A 153 -10.04 -3.74 2.65
N ILE A 154 -8.90 -3.01 2.74
CA ILE A 154 -7.68 -3.43 3.44
C ILE A 154 -7.99 -3.53 4.94
N SER A 155 -8.68 -2.51 5.50
CA SER A 155 -9.07 -2.44 6.92
C SER A 155 -9.95 -3.61 7.27
N VAL A 156 -10.89 -3.95 6.39
CA VAL A 156 -11.80 -5.08 6.59
C VAL A 156 -10.98 -6.38 6.50
N GLU A 157 -9.98 -6.48 5.60
CA GLU A 157 -9.12 -7.69 5.51
C GLU A 157 -8.19 -7.85 6.73
N PHE A 158 -7.96 -6.75 7.48
CA PHE A 158 -7.10 -6.71 8.65
C PHE A 158 -7.86 -6.79 9.98
N ILE A 159 -8.96 -6.01 10.15
CA ILE A 159 -9.73 -5.96 11.40
C ILE A 159 -11.08 -6.71 11.36
N GLY A 160 -11.68 -6.85 10.18
CA GLY A 160 -12.99 -7.46 10.00
C GLY A 160 -14.10 -6.42 9.89
N TYR A 161 -15.33 -6.86 9.53
CA TYR A 161 -16.46 -5.92 9.35
C TYR A 161 -17.56 -6.11 10.40
N ASN A 162 -17.98 -4.98 11.01
CA ASN A 162 -19.03 -4.86 12.05
C ASN A 162 -18.88 -5.90 13.18
N GLY A 163 -17.74 -5.78 13.88
CA GLY A 163 -17.36 -6.64 15.00
C GLY A 163 -16.74 -7.98 14.62
N ARG A 164 -17.24 -8.59 13.53
CA ARG A 164 -16.82 -9.89 13.04
C ARG A 164 -15.29 -9.98 12.74
N PRO A 165 -14.70 -11.19 12.86
CA PRO A 165 -13.28 -11.39 12.51
C PRO A 165 -13.03 -11.12 11.02
N ALA A 166 -11.75 -10.87 10.64
CA ALA A 166 -11.37 -10.62 9.24
C ALA A 166 -11.50 -11.91 8.42
N HIS A 167 -11.63 -11.79 7.07
CA HIS A 167 -11.75 -12.95 6.17
CA HIS A 167 -11.74 -12.93 6.14
C HIS A 167 -10.62 -13.94 6.40
N TYR A 168 -9.41 -13.42 6.60
CA TYR A 168 -8.17 -14.16 6.84
C TYR A 168 -8.28 -14.99 8.10
N GLU A 169 -8.73 -14.40 9.22
CA GLU A 169 -8.92 -15.11 10.48
C GLU A 169 -10.00 -16.21 10.32
N LEU A 170 -11.11 -15.89 9.63
CA LEU A 170 -12.19 -16.84 9.35
C LEU A 170 -11.68 -18.03 8.51
N LEU A 171 -10.75 -17.79 7.56
CA LEU A 171 -10.15 -18.85 6.77
C LEU A 171 -9.30 -19.77 7.63
N LEU A 172 -8.46 -19.20 8.50
CA LEU A 172 -7.63 -19.99 9.41
C LEU A 172 -8.49 -20.83 10.33
N ARG A 173 -9.59 -20.23 10.85
CA ARG A 173 -10.55 -20.91 11.74
C ARG A 173 -11.23 -22.07 11.01
N GLY A 175 -9.83 -23.93 8.54
CA GLY A 175 -8.79 -24.96 8.49
C GLY A 175 -8.65 -25.70 9.81
N GLU A 176 -8.64 -24.94 10.92
CA GLU A 176 -8.57 -25.47 12.29
C GLU A 176 -9.77 -26.37 12.55
N ALA A 177 -10.98 -25.94 12.10
CA ALA A 177 -12.19 -26.74 12.28
C ALA A 177 -12.13 -28.07 11.49
N LEU A 178 -11.36 -28.07 10.39
CA LEU A 178 -11.19 -29.22 9.50
C LEU A 178 -10.03 -30.13 9.96
N GLY A 179 -9.46 -29.82 11.13
CA GLY A 179 -8.43 -30.64 11.74
C GLY A 179 -7.00 -30.23 11.51
N PRO A 181 -4.12 -27.73 12.45
CA PRO A 181 -3.77 -26.61 13.34
C PRO A 181 -3.18 -25.45 12.55
N ARG A 182 -3.42 -24.25 13.05
CA ARG A 182 -2.98 -22.97 12.47
C ARG A 182 -1.48 -22.95 12.15
N GLU A 183 -0.65 -23.49 13.06
CA GLU A 183 0.82 -23.60 12.94
C GLU A 183 1.21 -24.34 11.63
N LYS A 184 0.51 -25.47 11.33
CA LYS A 184 0.78 -26.25 10.13
CA LYS A 184 0.73 -26.28 10.14
C LYS A 184 0.30 -25.48 8.88
N ILE A 185 -0.89 -24.83 8.95
CA ILE A 185 -1.41 -24.04 7.82
C ILE A 185 -0.40 -22.96 7.43
N LEU A 186 0.04 -22.16 8.41
CA LEU A 186 0.91 -21.01 8.22
C LEU A 186 2.33 -21.37 7.78
N SER A 187 2.81 -22.58 8.09
CA SER A 187 4.16 -23.01 7.73
C SER A 187 4.19 -23.66 6.33
N THR A 188 3.00 -23.86 5.72
CA THR A 188 2.90 -24.47 4.40
C THR A 188 3.09 -23.37 3.35
N GLN A 189 4.20 -23.47 2.61
CA GLN A 189 4.59 -22.61 1.51
C GLN A 189 3.56 -22.71 0.37
N PRO A 190 3.29 -21.63 -0.41
CA PRO A 190 2.35 -21.80 -1.53
C PRO A 190 2.86 -22.80 -2.56
N LEU A 191 1.96 -23.41 -3.34
CA LEU A 191 2.38 -24.32 -4.40
C LEU A 191 3.07 -23.51 -5.51
N PRO A 192 3.93 -24.08 -6.38
CA PRO A 192 4.54 -23.25 -7.45
C PRO A 192 3.56 -22.41 -8.29
N SER A 193 2.33 -22.93 -8.56
CA SER A 193 1.30 -22.23 -9.36
CA SER A 193 1.30 -22.24 -9.36
C SER A 193 0.65 -21.07 -8.59
N THR A 194 0.59 -21.17 -7.25
CA THR A 194 0.09 -20.04 -6.43
C THR A 194 1.15 -18.93 -6.51
N GLN A 195 2.44 -19.29 -6.39
CA GLN A 195 3.59 -18.39 -6.48
C GLN A 195 3.65 -17.68 -7.84
N SER A 196 3.45 -18.47 -8.92
CA SER A 196 3.41 -17.99 -10.28
C SER A 196 2.28 -16.94 -10.47
N ALA A 197 1.08 -17.27 -10.00
CA ALA A 197 -0.09 -16.39 -10.04
C ALA A 197 0.15 -15.09 -9.21
N ILE A 198 0.71 -15.21 -8.00
CA ILE A 198 1.03 -14.08 -7.12
C ILE A 198 2.06 -13.16 -7.83
N LYS A 199 3.02 -13.75 -8.52
CA LYS A 199 4.07 -13.03 -9.25
C LYS A 199 3.43 -12.18 -10.40
N THR A 200 2.44 -12.76 -11.11
CA THR A 200 1.73 -12.11 -12.19
C THR A 200 0.99 -10.89 -11.66
N TRP A 201 0.22 -11.05 -10.57
CA TRP A 201 -0.52 -9.97 -9.93
C TRP A 201 0.43 -8.90 -9.39
N ARG A 202 1.55 -9.32 -8.76
CA ARG A 202 2.55 -8.37 -8.27
C ARG A 202 3.13 -7.52 -9.41
N LYS A 203 3.46 -8.15 -10.55
CA LYS A 203 4.01 -7.49 -11.72
C LYS A 203 2.97 -6.56 -12.36
N ILE A 204 1.66 -6.94 -12.34
CA ILE A 204 0.60 -6.03 -12.79
C ILE A 204 0.61 -4.78 -11.89
N ALA A 205 0.66 -4.98 -10.55
CA ALA A 205 0.66 -3.88 -9.57
C ALA A 205 1.90 -3.00 -9.71
N GLU A 206 3.05 -3.60 -10.03
CA GLU A 206 4.31 -2.88 -10.21
C GLU A 206 4.34 -2.07 -11.50
N SER A 207 3.98 -2.71 -12.64
CA SER A 207 4.17 -2.13 -13.96
C SER A 207 2.97 -1.50 -14.63
N LYS A 208 1.73 -1.87 -14.26
CA LYS A 208 0.55 -1.30 -14.92
C LYS A 208 -0.02 -0.11 -14.11
N THR A 209 -1.07 0.50 -14.62
CA THR A 209 -1.72 1.63 -13.97
C THR A 209 -2.53 1.12 -12.79
N TRP A 210 -2.77 1.98 -11.77
CA TRP A 210 -3.57 1.60 -10.61
C TRP A 210 -4.96 1.13 -11.05
N LEU A 211 -5.51 1.70 -12.16
CA LEU A 211 -6.82 1.37 -12.70
C LEU A 211 -6.84 -0.07 -13.20
N GLU A 212 -5.81 -0.46 -13.95
CA GLU A 212 -5.62 -1.83 -14.45
C GLU A 212 -5.51 -2.82 -13.29
N THR A 213 -4.74 -2.42 -12.25
CA THR A 213 -4.53 -3.23 -11.05
C THR A 213 -5.86 -3.41 -10.31
N ALA A 215 -8.98 -3.22 -11.61
CA ALA A 215 -9.82 -4.09 -12.43
C ALA A 215 -9.38 -5.54 -12.32
N SER A 216 -8.04 -5.77 -12.38
CA SER A 216 -7.43 -7.09 -12.32
C SER A 216 -7.75 -7.85 -11.02
N HIS A 218 -10.30 -6.77 -8.39
CA HIS A 218 -11.71 -6.81 -7.99
C HIS A 218 -12.57 -7.65 -8.92
N SER A 219 -12.13 -7.87 -10.16
CA SER A 219 -12.87 -8.71 -11.10
C SER A 219 -12.93 -10.17 -10.60
N LEU A 220 -11.91 -10.58 -9.82
CA LEU A 220 -11.79 -11.93 -9.24
C LEU A 220 -12.85 -12.21 -8.18
N GLU A 221 -13.36 -11.14 -7.51
CA GLU A 221 -14.40 -11.20 -6.48
C GLU A 221 -15.72 -11.74 -7.03
N LEU A 222 -15.87 -11.72 -8.36
CA LEU A 222 -17.02 -12.30 -9.09
C LEU A 222 -17.11 -13.79 -8.83
N VAL A 223 -16.00 -14.45 -8.42
CA VAL A 223 -16.00 -15.88 -8.14
C VAL A 223 -17.05 -16.21 -7.04
N ALA A 224 -17.14 -15.37 -5.97
CA ALA A 224 -18.07 -15.57 -4.85
C ALA A 224 -19.34 -14.72 -4.97
N ASP A 225 -19.55 -14.04 -6.12
CA ASP A 225 -20.76 -13.24 -6.40
C ASP A 225 -21.93 -14.20 -6.64
N ARG A 226 -22.86 -14.28 -5.68
CA ARG A 226 -24.01 -15.20 -5.71
C ARG A 226 -25.05 -14.85 -6.82
N SER A 227 -24.89 -13.69 -7.51
CA SER A 227 -25.84 -13.23 -8.54
C SER A 227 -25.53 -13.80 -9.94
N LEU A 228 -24.29 -14.28 -10.16
CA LEU A 228 -23.80 -14.78 -11.44
C LEU A 228 -24.74 -15.75 -12.20
N VAL A 229 -25.47 -16.62 -11.49
CA VAL A 229 -26.44 -17.56 -12.10
C VAL A 229 -27.58 -16.81 -12.85
N LYS A 230 -27.84 -15.56 -12.44
CA LYS A 230 -28.85 -14.67 -13.03
C LYS A 230 -28.40 -14.18 -14.39
N TYR A 231 -27.09 -14.18 -14.62
CA TYR A 231 -26.47 -13.76 -15.86
C TYR A 231 -26.00 -14.98 -16.71
N GLY A 232 -26.42 -16.19 -16.32
CA GLY A 232 -26.08 -17.40 -17.04
C GLY A 232 -24.99 -18.32 -16.51
N ALA A 233 -24.38 -18.06 -15.31
CA ALA A 233 -23.40 -18.99 -14.71
C ALA A 233 -24.07 -20.35 -14.60
N LYS A 234 -23.38 -21.42 -15.04
CA LYS A 234 -23.99 -22.76 -15.05
C LYS A 234 -24.03 -23.39 -13.66
N LEU A 235 -23.26 -22.82 -12.73
CA LEU A 235 -23.17 -23.32 -11.35
C LEU A 235 -23.02 -22.21 -10.33
N PRO A 236 -23.39 -22.42 -9.05
CA PRO A 236 -23.02 -21.43 -8.03
C PRO A 236 -21.57 -21.70 -7.66
N TYR A 237 -20.96 -20.87 -6.78
CA TYR A 237 -19.59 -21.10 -6.27
C TYR A 237 -19.53 -22.46 -5.55
N PHE A 238 -20.56 -22.73 -4.75
CA PHE A 238 -20.79 -23.95 -3.99
C PHE A 238 -22.28 -24.11 -3.81
N ASN A 239 -22.73 -25.29 -3.39
CA ASN A 239 -24.14 -25.56 -3.07
C ASN A 239 -24.58 -24.66 -1.90
N PRO A 240 -25.56 -23.73 -2.09
CA PRO A 240 -25.92 -22.80 -1.00
C PRO A 240 -26.46 -23.50 0.26
N GLU A 241 -26.88 -24.78 0.13
CA GLU A 241 -27.35 -25.66 1.21
C GLU A 241 -26.29 -25.82 2.30
N ILE A 242 -24.99 -25.70 1.94
CA ILE A 242 -23.83 -25.84 2.83
C ILE A 242 -23.93 -24.82 3.98
N LEU A 243 -24.49 -23.62 3.68
CA LEU A 243 -24.62 -22.56 4.67
C LEU A 243 -25.67 -22.86 5.75
N SER A 244 -26.53 -23.88 5.54
CA SER A 244 -27.58 -24.22 6.49
C SER A 244 -27.49 -25.67 7.04
N SER A 245 -26.86 -26.61 6.31
CA SER A 245 -26.78 -28.02 6.76
C SER A 245 -25.80 -28.22 7.93
N ASP A 246 -26.05 -29.28 8.70
CA ASP A 246 -25.26 -29.73 9.87
C ASP A 246 -24.05 -30.58 9.43
N GLU A 247 -23.93 -30.77 8.10
CA GLU A 247 -22.93 -31.57 7.43
C GLU A 247 -21.51 -31.00 7.56
N TYR A 248 -21.37 -29.66 7.60
CA TYR A 248 -20.05 -28.98 7.68
C TYR A 248 -19.89 -28.25 9.03
N PRO A 249 -18.64 -28.13 9.55
CA PRO A 249 -18.46 -27.38 10.82
C PRO A 249 -18.89 -25.93 10.65
N GLN A 250 -19.31 -25.29 11.74
CA GLN A 250 -19.77 -23.90 11.77
C GLN A 250 -18.72 -22.95 11.14
N ALA A 251 -17.42 -23.19 11.40
CA ALA A 251 -16.31 -22.38 10.87
C ALA A 251 -16.30 -22.35 9.35
N VAL A 252 -16.73 -23.46 8.69
CA VAL A 252 -16.83 -23.53 7.23
C VAL A 252 -17.94 -22.57 6.78
N LYS A 253 -19.13 -22.67 7.38
CA LYS A 253 -20.27 -21.80 7.13
C LYS A 253 -19.88 -20.34 7.41
N ASP A 254 -19.17 -20.08 8.53
CA ASP A 254 -18.72 -18.75 8.91
C ASP A 254 -17.86 -18.09 7.83
N PHE A 255 -16.91 -18.84 7.23
CA PHE A 255 -16.04 -18.31 6.20
C PHE A 255 -16.78 -18.06 4.89
N LEU A 256 -17.49 -19.10 4.38
CA LEU A 256 -18.17 -19.05 3.08
C LEU A 256 -19.33 -18.06 3.00
N ARG A 257 -19.98 -17.80 4.15
CA ARG A 257 -21.11 -16.88 4.35
CA ARG A 257 -21.12 -16.88 4.33
C ARG A 257 -20.72 -15.46 3.97
N GLU A 258 -19.46 -15.09 4.25
CA GLU A 258 -18.93 -13.76 4.04
C GLU A 258 -18.98 -13.32 2.57
N GLY A 259 -18.35 -14.08 1.68
CA GLY A 259 -18.37 -13.80 0.25
C GLY A 259 -19.77 -13.91 -0.29
N TYR A 260 -20.51 -14.92 0.15
CA TYR A 260 -21.87 -15.15 -0.30
C TYR A 260 -22.69 -13.85 -0.11
N GLU A 261 -22.55 -13.26 1.08
CA GLU A 261 -23.30 -12.08 1.50
C GLU A 261 -22.82 -10.76 0.89
N ALA A 262 -21.52 -10.58 0.79
CA ALA A 262 -20.85 -9.34 0.46
C ALA A 262 -20.42 -9.11 -0.98
N ASP A 263 -19.90 -10.15 -1.68
CA ASP A 263 -19.25 -9.98 -2.98
C ASP A 263 -20.16 -9.57 -4.12
N VAL A 264 -21.47 -9.80 -4.04
CA VAL A 264 -22.41 -9.39 -5.09
C VAL A 264 -22.41 -7.82 -5.18
N SER A 265 -22.54 -7.14 -4.04
CA SER A 265 -22.50 -5.67 -3.95
C SER A 265 -21.05 -5.12 -4.00
N HIS A 266 -20.07 -5.89 -3.51
CA HIS A 266 -18.67 -5.47 -3.47
C HIS A 266 -18.03 -5.46 -4.87
N ALA A 267 -18.13 -6.56 -5.64
CA ALA A 267 -17.60 -6.66 -7.00
C ALA A 267 -18.30 -5.62 -7.91
N GLY A 268 -19.62 -5.46 -7.73
CA GLY A 268 -20.44 -4.48 -8.44
C GLY A 268 -19.95 -3.05 -8.30
N GLU A 269 -19.69 -2.63 -7.04
CA GLU A 269 -19.22 -1.29 -6.66
C GLU A 269 -17.82 -1.00 -7.25
N ALA A 270 -16.93 -1.98 -7.20
CA ALA A 270 -15.57 -1.86 -7.72
C ALA A 270 -15.57 -1.71 -9.24
N LEU A 271 -16.31 -2.59 -9.96
CA LEU A 271 -16.41 -2.59 -11.41
C LEU A 271 -17.13 -1.34 -11.94
N GLU A 272 -18.06 -0.78 -11.15
CA GLU A 272 -18.75 0.47 -11.46
C GLU A 272 -17.70 1.60 -11.50
N VAL A 274 -14.41 1.10 -11.89
CA VAL A 274 -13.48 0.72 -12.95
C VAL A 274 -14.04 1.26 -14.28
N GLU A 275 -15.34 1.02 -14.59
CA GLU A 275 -16.00 1.48 -15.81
C GLU A 275 -15.92 3.00 -15.96
N LYS A 276 -16.20 3.75 -14.86
CA LYS A 276 -16.18 5.21 -14.80
C LYS A 276 -14.81 5.78 -15.19
N TYR A 277 -13.74 5.33 -14.52
CA TYR A 277 -12.38 5.83 -14.76
C TYR A 277 -11.78 5.32 -16.05
N THR A 278 -12.23 4.17 -16.54
CA THR A 278 -11.76 3.65 -17.84
C THR A 278 -12.28 4.56 -18.97
N GLU A 279 -13.53 5.06 -18.87
CA GLU A 279 -14.12 6.00 -19.84
C GLU A 279 -13.35 7.33 -19.81
N GLU A 280 -13.15 7.91 -18.61
CA GLU A 280 -12.40 9.15 -18.35
C GLU A 280 -10.97 9.09 -18.88
N GLU A 282 -9.87 6.85 -21.16
CA GLU A 282 -9.95 6.25 -22.51
C GLU A 282 -8.94 5.08 -22.66
N LYS A 284 -10.20 1.45 -22.36
CA LYS A 284 -11.05 0.26 -22.31
C LYS A 284 -10.28 -1.01 -22.67
N GLU A 285 -9.62 -1.04 -23.86
CA GLU A 285 -8.98 -2.26 -24.30
C GLU A 285 -7.79 -2.62 -23.43
N GLN A 286 -6.99 -1.64 -22.99
CA GLN A 286 -5.84 -1.88 -22.12
CA GLN A 286 -5.84 -1.86 -22.10
C GLN A 286 -6.30 -2.58 -20.82
N VAL A 287 -7.40 -2.09 -20.21
CA VAL A 287 -8.00 -2.65 -19.00
C VAL A 287 -8.56 -4.05 -19.31
N GLN A 288 -9.26 -4.22 -20.46
CA GLN A 288 -9.78 -5.52 -20.92
C GLN A 288 -8.65 -6.55 -21.03
N ILE A 289 -7.53 -6.18 -21.72
CA ILE A 289 -6.32 -7.02 -21.87
C ILE A 289 -5.81 -7.51 -20.49
N THR A 290 -5.51 -6.56 -19.60
CA THR A 290 -4.93 -6.84 -18.27
C THR A 290 -5.87 -7.68 -17.40
N VAL A 291 -7.18 -7.39 -17.45
CA VAL A 291 -8.20 -8.18 -16.74
C VAL A 291 -8.13 -9.65 -17.18
N LEU A 292 -7.99 -9.93 -18.49
CA LEU A 292 -7.89 -11.31 -19.03
C LEU A 292 -6.56 -11.96 -18.62
N LYS A 293 -5.46 -11.18 -18.49
CA LYS A 293 -4.19 -11.68 -17.95
C LYS A 293 -4.37 -12.06 -16.47
N SER A 294 -5.20 -11.31 -15.74
CA SER A 294 -5.53 -11.63 -14.34
C SER A 294 -6.38 -12.91 -14.24
N PHE A 295 -7.28 -13.16 -15.22
CA PHE A 295 -8.11 -14.38 -15.30
C PHE A 295 -7.23 -15.61 -15.43
N ASP A 296 -6.16 -15.50 -16.23
CA ASP A 296 -5.19 -16.58 -16.44
C ASP A 296 -4.50 -16.90 -15.12
N ALA A 297 -4.07 -15.87 -14.37
CA ALA A 297 -3.42 -16.04 -13.07
C ALA A 297 -4.43 -16.67 -12.06
N PHE A 298 -5.68 -16.23 -12.10
CA PHE A 298 -6.71 -16.76 -11.21
C PHE A 298 -7.04 -18.21 -11.50
N SER A 299 -7.07 -18.60 -12.78
CA SER A 299 -7.37 -19.97 -13.19
C SER A 299 -6.25 -20.91 -12.70
N LYS A 300 -4.98 -20.45 -12.84
CA LYS A 300 -3.80 -21.13 -12.31
C LYS A 300 -3.92 -21.32 -10.79
N TYR A 301 -4.22 -20.24 -10.07
CA TYR A 301 -4.34 -20.21 -8.62
C TYR A 301 -5.51 -21.13 -8.14
N LEU A 302 -6.66 -21.12 -8.84
CA LEU A 302 -7.78 -21.98 -8.46
C LEU A 302 -7.40 -23.45 -8.66
N LEU A 303 -6.63 -23.73 -9.72
CA LEU A 303 -6.14 -25.08 -10.02
C LEU A 303 -5.19 -25.53 -8.89
N ALA A 304 -4.37 -24.60 -8.37
CA ALA A 304 -3.46 -24.81 -7.23
C ALA A 304 -4.25 -25.24 -5.98
N ARG A 305 -5.40 -24.62 -5.69
CA ARG A 305 -6.27 -24.97 -4.54
C ARG A 305 -6.65 -26.45 -4.64
N LEU A 306 -7.06 -26.87 -5.87
CA LEU A 306 -7.47 -28.22 -6.17
C LEU A 306 -6.30 -29.18 -6.05
N GLU A 307 -5.12 -28.81 -6.64
CA GLU A 307 -3.87 -29.57 -6.59
C GLU A 307 -3.45 -29.78 -5.13
N ARG A 308 -3.59 -28.76 -4.25
CA ARG A 308 -3.26 -28.93 -2.82
C ARG A 308 -4.21 -29.99 -2.20
N GLY A 309 -5.48 -29.98 -2.62
CA GLY A 309 -6.51 -30.92 -2.19
C GLY A 309 -6.15 -32.33 -2.56
N PHE A 310 -5.53 -32.53 -3.75
CA PHE A 310 -5.06 -33.86 -4.16
C PHE A 310 -3.96 -34.38 -3.22
N GLU A 311 -2.98 -33.55 -2.91
CA GLU A 311 -1.87 -33.89 -2.02
C GLU A 311 -2.33 -34.32 -0.63
N ILE A 312 -3.43 -33.75 -0.14
CA ILE A 312 -4.07 -33.96 1.17
C ILE A 312 -5.08 -35.10 1.16
N GLU A 313 -5.77 -35.32 0.04
CA GLU A 313 -6.83 -36.34 -0.05
C GLU A 313 -6.61 -37.21 -1.29
N PRO A 314 -5.96 -38.38 -1.14
CA PRO A 314 -5.68 -39.26 -2.29
C PRO A 314 -6.90 -39.60 -3.17
N SER A 315 -8.09 -39.82 -2.55
CA SER A 315 -9.35 -40.17 -3.24
C SER A 315 -9.90 -39.03 -4.10
N LEU A 316 -9.36 -37.81 -3.96
CA LEU A 316 -9.86 -36.64 -4.69
C LEU A 316 -9.51 -36.68 -6.18
N LEU A 317 -8.31 -37.13 -6.58
CA LEU A 317 -7.94 -37.15 -7.99
C LEU A 317 -8.93 -37.99 -8.85
N LYS A 318 -9.38 -39.17 -8.39
CA LYS A 318 -10.37 -40.02 -9.09
C LYS A 318 -11.72 -39.27 -9.33
N ARG A 319 -12.17 -38.47 -8.34
CA ARG A 319 -13.43 -37.69 -8.38
C ARG A 319 -13.40 -36.57 -9.45
N VAL A 320 -12.20 -36.11 -9.80
CA VAL A 320 -11.99 -35.05 -10.78
C VAL A 320 -11.74 -35.64 -12.19
N ILE A 321 -11.04 -36.80 -12.29
CA ILE A 321 -10.71 -37.45 -13.56
C ILE A 321 -11.79 -38.46 -13.92
N ASN B 14 38.63 -6.69 5.59
CA ASN B 14 37.47 -7.52 5.93
C ASN B 14 36.18 -6.81 5.51
N LEU B 15 35.97 -5.59 6.02
CA LEU B 15 34.86 -4.70 5.69
C LEU B 15 35.37 -3.52 4.86
N TYR B 16 36.55 -3.72 4.21
CA TYR B 16 37.28 -2.74 3.41
C TYR B 16 36.41 -2.18 2.25
N PHE B 17 35.73 -3.06 1.50
CA PHE B 17 34.90 -2.67 0.37
C PHE B 17 33.44 -2.42 0.78
N GLN B 18 32.97 -3.10 1.84
CA GLN B 18 31.60 -2.91 2.35
C GLN B 18 31.48 -1.55 3.07
N GLY B 19 32.56 -1.12 3.70
CA GLY B 19 32.62 0.15 4.40
C GLY B 19 32.98 1.35 3.55
N PRO B 21 32.17 4.68 1.75
CA PRO B 21 31.15 5.71 2.05
C PRO B 21 30.45 6.30 0.84
N LEU B 22 29.15 6.58 1.02
CA LEU B 22 28.28 7.22 0.06
C LEU B 22 28.22 8.70 0.34
N CYS B 23 28.11 9.53 -0.72
CA CYS B 23 27.93 10.96 -0.50
C CYS B 23 26.52 11.18 0.02
N PRO B 24 26.37 11.88 1.17
CA PRO B 24 25.02 12.08 1.75
C PRO B 24 24.12 13.02 0.95
N SER B 25 24.68 13.67 -0.08
CA SER B 25 23.96 14.59 -0.93
C SER B 25 23.64 13.95 -2.28
N CYS B 26 24.65 13.61 -3.12
CA CYS B 26 24.43 13.05 -4.47
C CYS B 26 24.42 11.51 -4.51
N GLU B 27 24.70 10.85 -3.39
CA GLU B 27 24.67 9.38 -3.21
C GLU B 27 25.72 8.59 -4.06
N LYS B 29 29.47 6.80 -4.60
CA LYS B 29 30.28 5.96 -3.70
C LYS B 29 31.76 6.34 -3.79
N PHE B 30 32.51 6.28 -2.68
CA PHE B 30 33.93 6.66 -2.65
C PHE B 30 34.75 5.60 -1.92
N ASN B 31 36.03 5.46 -2.29
CA ASN B 31 36.87 4.41 -1.71
C ASN B 31 37.21 4.63 -0.22
N SER B 32 37.17 5.88 0.26
CA SER B 32 37.49 6.25 1.63
C SER B 32 36.72 7.50 2.06
N TRP B 33 36.80 7.83 3.37
CA TRP B 33 36.20 9.03 3.97
C TRP B 33 36.94 10.25 3.43
N GLU B 34 38.22 10.05 3.11
CA GLU B 34 39.12 11.04 2.54
C GLU B 34 38.69 11.38 1.12
N ASP B 35 38.32 10.35 0.30
CA ASP B 35 37.82 10.51 -1.07
C ASP B 35 36.47 11.24 -1.07
N LEU B 36 35.59 10.91 -0.11
CA LEU B 36 34.28 11.54 0.04
C LEU B 36 34.46 13.01 0.44
N ALA B 37 35.33 13.28 1.44
CA ALA B 37 35.62 14.64 1.91
C ALA B 37 36.15 15.52 0.77
N LYS B 38 37.08 14.96 -0.06
CA LYS B 38 37.68 15.64 -1.23
C LYS B 38 36.56 16.01 -2.22
N HIS B 39 35.66 15.04 -2.52
CA HIS B 39 34.51 15.20 -3.41
C HIS B 39 33.58 16.31 -2.93
N ASP B 41 34.10 18.71 -0.67
CA ASP B 41 34.80 19.99 -0.64
C ASP B 41 34.90 20.57 -2.05
N LEU B 42 35.21 19.73 -3.07
CA LEU B 42 35.31 20.18 -4.45
C LEU B 42 33.98 20.71 -4.97
N ILE B 43 32.86 19.93 -4.80
CA ILE B 43 31.52 20.29 -5.29
C ILE B 43 30.96 21.48 -4.50
N ALA B 44 31.15 21.52 -3.18
CA ALA B 44 30.64 22.64 -2.37
C ALA B 44 31.32 23.97 -2.72
N ASN B 45 32.61 23.93 -3.14
CA ASN B 45 33.37 25.11 -3.54
C ASN B 45 33.30 25.33 -5.09
N THR B 46 32.05 25.31 -5.60
CA THR B 46 31.60 25.60 -6.97
C THR B 46 30.31 26.44 -6.85
N ASN B 47 30.16 27.45 -7.73
CA ASN B 47 29.01 28.37 -7.76
C ASN B 47 27.67 27.64 -8.04
N SER B 48 27.68 26.70 -9.02
CA SER B 48 26.55 25.90 -9.49
C SER B 48 25.88 25.04 -8.39
N ASP B 49 26.69 24.43 -7.48
CA ASP B 49 26.16 23.59 -6.43
C ASP B 49 25.53 24.38 -5.27
N LYS B 50 24.43 23.83 -4.72
CA LYS B 50 23.68 24.34 -3.57
C LYS B 50 23.51 23.22 -2.55
N SER B 51 23.21 22.02 -3.05
CA SER B 51 22.93 20.79 -2.32
C SER B 51 24.06 20.35 -1.35
N HIS B 52 25.31 20.24 -1.84
CA HIS B 52 26.44 19.75 -1.03
C HIS B 52 26.79 20.75 0.11
N VAL B 53 26.84 22.05 -0.20
CA VAL B 53 27.15 23.09 0.77
C VAL B 53 26.04 23.15 1.84
N TRP B 55 24.07 20.66 2.76
CA TRP B 55 24.22 19.44 3.56
C TRP B 55 25.30 19.64 4.63
N LEU B 56 26.47 20.13 4.23
CA LEU B 56 27.61 20.37 5.12
C LEU B 56 27.28 21.41 6.18
N ASN B 57 26.55 22.48 5.79
CA ASN B 57 26.13 23.55 6.69
C ASN B 57 25.17 23.04 7.76
N ARG B 58 24.18 22.26 7.34
CA ARG B 58 23.13 21.69 8.19
C ARG B 58 23.64 20.57 9.09
N ASN B 59 24.63 19.79 8.65
CA ASN B 59 25.03 18.62 9.40
C ASN B 59 26.44 18.65 9.98
N ILE B 60 27.41 19.29 9.33
CA ILE B 60 28.78 19.28 9.82
C ILE B 60 29.16 20.66 10.39
N SER B 61 29.47 21.64 9.51
CA SER B 61 29.91 22.95 9.96
C SER B 61 29.59 24.04 8.95
N LYS B 63 31.74 26.88 8.78
CA LYS B 63 33.08 27.22 8.33
C LYS B 63 33.72 26.07 7.57
N ARG B 64 34.51 26.42 6.54
CA ARG B 64 35.21 25.49 5.64
C ARG B 64 36.34 24.75 6.38
N GLU B 66 39.45 21.46 6.31
CA GLU B 66 40.48 20.78 5.51
C GLU B 66 39.93 19.41 5.15
N VAL B 67 40.31 18.85 4.00
CA VAL B 67 39.79 17.55 3.55
C VAL B 67 39.90 16.47 4.66
N ASN B 68 41.07 16.31 5.30
CA ASN B 68 41.25 15.29 6.35
C ASN B 68 40.41 15.62 7.61
N GLU B 69 40.27 16.91 7.94
CA GLU B 69 39.42 17.38 9.05
C GLU B 69 37.96 16.91 8.79
N LEU B 70 37.46 17.17 7.56
CA LEU B 70 36.13 16.82 7.04
C LEU B 70 35.95 15.29 7.00
N ALA B 71 36.97 14.55 6.55
CA ALA B 71 36.95 13.09 6.47
C ALA B 71 36.66 12.47 7.85
N ASN B 72 37.32 12.99 8.92
CA ASN B 72 37.11 12.55 10.29
C ASN B 72 35.73 12.96 10.78
N ALA B 73 35.31 14.21 10.46
CA ALA B 73 34.00 14.74 10.82
C ALA B 73 32.85 13.90 10.18
N LEU B 74 33.01 13.50 8.89
CA LEU B 74 32.04 12.68 8.19
C LEU B 74 31.94 11.29 8.80
N GLU B 75 33.09 10.63 9.10
CA GLU B 75 33.13 9.32 9.73
C GLU B 75 32.44 9.33 11.12
N ARG B 76 32.74 10.34 11.96
CA ARG B 76 32.17 10.48 13.31
C ARG B 76 30.67 10.71 13.24
N PHE B 77 30.22 11.49 12.23
CA PHE B 77 28.82 11.80 12.01
C PHE B 77 28.01 10.55 11.61
N PHE B 78 28.55 9.63 10.80
CA PHE B 78 27.73 8.48 10.45
C PHE B 78 27.88 7.29 11.42
N SER B 79 28.98 7.21 12.20
CA SER B 79 29.20 6.06 13.09
C SER B 79 28.81 6.32 14.56
N THR B 80 28.52 7.57 14.94
CA THR B 80 28.18 7.92 16.31
C THR B 80 26.87 8.72 16.36
N PRO B 81 25.86 8.28 17.16
CA PRO B 81 25.78 7.02 17.94
C PRO B 81 25.82 5.79 17.02
N ASN B 82 26.29 4.62 17.54
CA ASN B 82 26.39 3.36 16.77
C ASN B 82 25.01 2.76 16.45
N SER B 83 24.08 2.76 17.42
CA SER B 83 22.74 2.20 17.27
C SER B 83 21.96 3.09 16.31
N LEU B 84 21.38 2.51 15.25
CA LEU B 84 20.66 3.28 14.23
C LEU B 84 19.43 3.99 14.83
N SER B 85 18.71 3.29 15.70
CA SER B 85 17.56 3.82 16.42
C SER B 85 17.98 5.07 17.22
N TRP B 87 20.86 6.88 16.67
CA TRP B 87 21.40 7.82 15.68
C TRP B 87 20.28 8.67 15.10
N ILE B 88 19.16 8.02 14.70
CA ILE B 88 17.99 8.69 14.14
C ILE B 88 17.42 9.66 15.19
N ARG B 89 17.17 9.17 16.41
CA ARG B 89 16.68 9.94 17.55
C ARG B 89 17.58 11.17 17.82
N THR B 90 18.91 10.99 17.90
CA THR B 90 19.87 12.06 18.18
C THR B 90 19.88 13.09 17.06
N ARG B 91 19.89 12.66 15.80
CA ARG B 91 19.89 13.61 14.69
C ARG B 91 18.59 14.43 14.64
N PHE B 92 17.46 13.79 14.95
CA PHE B 92 16.13 14.44 14.95
C PHE B 92 16.08 15.55 16.00
N ILE B 93 16.56 15.26 17.22
CA ILE B 93 16.62 16.23 18.30
C ILE B 93 17.53 17.39 17.90
N GLU B 94 18.73 17.08 17.35
CA GLU B 94 19.68 18.11 16.93
C GLU B 94 19.03 19.05 15.93
N ARG B 95 18.33 18.49 14.96
CA ARG B 95 17.64 19.25 13.94
C ARG B 95 16.44 20.06 14.46
N PHE B 96 15.50 19.44 15.19
CA PHE B 96 14.24 20.11 15.54
C PHE B 96 14.13 20.63 16.97
N TYR B 97 14.86 20.03 17.92
CA TYR B 97 14.74 20.36 19.33
C TYR B 97 16.08 20.71 19.98
N GLY B 98 17.01 21.18 19.15
CA GLY B 98 18.35 21.54 19.63
C GLY B 98 18.46 22.96 20.12
N ASP B 99 19.65 23.52 19.92
CA ASP B 99 19.97 24.88 20.32
C ASP B 99 19.04 25.88 19.64
N ASN B 100 18.70 25.63 18.35
CA ASN B 100 17.78 26.43 17.56
C ASN B 100 16.59 25.54 17.16
N PRO B 101 15.59 25.41 18.06
CA PRO B 101 14.43 24.56 17.73
C PRO B 101 13.67 25.11 16.54
N HIS B 102 12.95 24.23 15.83
CA HIS B 102 12.18 24.63 14.67
C HIS B 102 11.19 25.73 15.02
N PRO B 103 11.10 26.82 14.20
CA PRO B 103 10.14 27.90 14.47
C PRO B 103 8.70 27.43 14.73
N PHE B 104 8.25 26.33 14.08
CA PHE B 104 6.89 25.81 14.30
C PHE B 104 6.79 25.29 15.74
N ILE B 105 7.82 24.56 16.20
CA ILE B 105 7.85 23.98 17.55
C ILE B 105 7.85 25.10 18.60
N VAL B 106 8.61 26.19 18.33
CA VAL B 106 8.66 27.37 19.21
C VAL B 106 7.23 27.98 19.31
N ALA B 107 6.53 28.10 18.17
CA ALA B 107 5.17 28.64 18.08
C ALA B 107 4.14 27.70 18.72
N GLN B 109 4.57 25.90 21.40
CA GLN B 109 4.70 25.88 22.86
C GLN B 109 3.39 26.33 23.52
N ASN B 110 2.90 27.52 23.13
CA ASN B 110 1.61 28.06 23.58
C ASN B 110 0.93 28.59 22.32
N PRO B 111 0.22 27.70 21.60
CA PRO B 111 -0.26 28.04 20.27
C PRO B 111 -1.52 28.88 20.23
N THR B 112 -1.55 29.78 19.27
CA THR B 112 -2.72 30.60 18.98
C THR B 112 -3.69 29.78 18.10
N LYS B 113 -4.89 30.30 17.85
CA LYS B 113 -5.89 29.70 16.95
C LYS B 113 -5.26 29.51 15.54
N GLY B 114 -4.46 30.49 15.11
CA GLY B 114 -3.77 30.49 13.82
C GLY B 114 -2.72 29.42 13.69
N VAL B 115 -1.92 29.20 14.76
CA VAL B 115 -0.90 28.14 14.81
C VAL B 115 -1.60 26.78 14.65
N LEU B 116 -2.68 26.59 15.42
CA LEU B 116 -3.42 25.32 15.45
C LEU B 116 -4.20 25.07 14.12
N LEU B 117 -4.71 26.13 13.47
CA LEU B 117 -5.40 26.01 12.19
C LEU B 117 -4.41 25.77 11.07
N GLY B 118 -3.22 26.39 11.16
CA GLY B 118 -2.12 26.17 10.24
C GLY B 118 -1.71 24.70 10.27
N TYR B 119 -1.66 24.11 11.49
CA TYR B 119 -1.42 22.69 11.77
C TYR B 119 -2.51 21.85 11.08
N VAL B 120 -3.81 22.10 11.36
CA VAL B 120 -4.96 21.39 10.76
C VAL B 120 -4.91 21.42 9.24
N ILE B 121 -4.75 22.59 8.65
CA ILE B 121 -4.81 22.77 7.20
C ILE B 121 -3.70 22.03 6.46
N GLU B 122 -2.44 22.20 6.87
CA GLU B 122 -1.34 21.52 6.19
C GLU B 122 -1.26 20.02 6.56
N HIS B 123 -1.62 19.64 7.82
CA HIS B 123 -1.49 18.26 8.27
C HIS B 123 -2.53 17.32 7.63
N GLN B 124 -3.68 17.86 7.15
CA GLN B 124 -4.69 17.03 6.49
CA GLN B 124 -4.69 17.04 6.49
C GLN B 124 -4.10 16.38 5.24
N HIS B 125 -3.22 17.14 4.52
CA HIS B 125 -2.51 16.76 3.31
C HIS B 125 -1.42 15.81 3.67
N PHE B 126 -0.71 16.08 4.79
CA PHE B 126 0.34 15.23 5.30
C PHE B 126 -0.24 13.86 5.62
N LEU B 127 -1.39 13.82 6.30
CA LEU B 127 -2.01 12.56 6.70
C LEU B 127 -2.49 11.73 5.50
N LYS B 128 -2.95 12.39 4.43
CA LYS B 128 -3.33 11.71 3.19
C LYS B 128 -2.08 11.05 2.58
N ASN B 129 -0.95 11.77 2.53
CA ASN B 129 0.31 11.23 1.99
C ASN B 129 0.82 10.08 2.86
N TRP B 130 0.79 10.27 4.20
CA TRP B 130 1.21 9.31 5.20
C TRP B 130 0.61 7.93 4.95
N VAL B 131 -0.70 7.85 4.82
CA VAL B 131 -1.39 6.58 4.68
C VAL B 131 -1.04 5.90 3.31
N LYS B 132 -0.82 6.71 2.26
CA LYS B 132 -0.42 6.27 0.92
C LYS B 132 1.02 5.72 0.94
N VAL B 133 1.94 6.43 1.57
CA VAL B 133 3.37 6.02 1.67
C VAL B 133 3.52 4.74 2.55
N LEU B 134 2.71 4.62 3.62
CA LEU B 134 2.72 3.42 4.47
C LEU B 134 2.17 2.23 3.69
N SER B 135 1.21 2.51 2.78
CA SER B 135 0.62 1.51 1.91
C SER B 135 1.68 0.97 0.90
N SER B 136 2.62 1.83 0.43
CA SER B 136 3.69 1.37 -0.48
C SER B 136 4.61 0.40 0.27
N ILE B 137 4.83 0.64 1.60
CA ILE B 137 5.62 -0.26 2.47
C ILE B 137 4.91 -1.59 2.56
N VAL B 138 3.57 -1.59 2.74
CA VAL B 138 2.77 -2.84 2.84
C VAL B 138 2.95 -3.69 1.58
N PHE B 139 2.93 -3.04 0.42
CA PHE B 139 3.09 -3.70 -0.86
C PHE B 139 4.50 -4.22 -1.09
N LYS B 140 5.55 -3.39 -0.84
CA LYS B 140 6.94 -3.69 -1.16
C LYS B 140 7.70 -4.52 -0.09
N THR B 141 7.28 -4.52 1.19
CA THR B 141 8.00 -5.29 2.21
C THR B 141 7.90 -6.81 1.99
N ASP B 142 8.94 -7.55 2.42
CA ASP B 142 8.94 -9.03 2.36
C ASP B 142 8.94 -9.58 3.80
N LYS B 143 8.73 -8.70 4.79
CA LYS B 143 8.75 -9.03 6.21
C LYS B 143 7.35 -8.96 6.78
N ASP B 144 6.87 -10.08 7.37
CA ASP B 144 5.51 -10.17 7.90
C ASP B 144 5.29 -9.23 9.10
N ASP B 145 6.28 -9.07 10.01
CA ASP B 145 6.16 -8.16 11.15
C ASP B 145 6.03 -6.72 10.69
N VAL B 146 6.71 -6.35 9.59
CA VAL B 146 6.63 -5.01 9.00
C VAL B 146 5.24 -4.82 8.38
N LEU B 147 4.73 -5.84 7.65
CA LEU B 147 3.42 -5.78 7.02
C LEU B 147 2.31 -5.62 8.08
N GLN B 148 2.36 -6.47 9.14
CA GLN B 148 1.40 -6.43 10.25
C GLN B 148 1.42 -5.04 10.93
N TYR B 149 2.62 -4.50 11.19
CA TYR B 149 2.83 -3.21 11.85
C TYR B 149 2.17 -2.10 11.06
N GLU B 150 2.48 -2.00 9.73
CA GLU B 150 1.97 -0.99 8.81
C GLU B 150 0.47 -1.14 8.53
N LEU B 151 -0.07 -2.34 8.46
CA LEU B 151 -1.52 -2.52 8.27
C LEU B 151 -2.28 -1.99 9.51
N GLU B 152 -1.73 -2.23 10.75
CA GLU B 152 -2.28 -1.74 12.02
CA GLU B 152 -2.35 -1.75 11.99
C GLU B 152 -2.34 -0.22 11.97
N ASN B 153 -1.24 0.39 11.49
CA ASN B 153 -1.06 1.84 11.39
C ASN B 153 -2.05 2.47 10.46
N ILE B 154 -2.20 1.90 9.24
CA ILE B 154 -3.10 2.38 8.19
C ILE B 154 -4.55 2.26 8.68
N SER B 155 -4.91 1.10 9.27
CA SER B 155 -6.24 0.81 9.81
C SER B 155 -6.63 1.82 10.89
N VAL B 156 -5.69 2.17 11.80
CA VAL B 156 -5.90 3.15 12.88
C VAL B 156 -5.96 4.58 12.25
N GLU B 157 -5.29 4.83 11.11
CA GLU B 157 -5.41 6.13 10.45
C GLU B 157 -6.74 6.25 9.67
N PHE B 158 -7.39 5.11 9.38
CA PHE B 158 -8.62 5.07 8.61
C PHE B 158 -9.90 4.93 9.45
N ILE B 159 -10.04 3.89 10.26
CA ILE B 159 -11.29 3.67 10.98
C ILE B 159 -11.14 4.04 12.48
N GLY B 160 -9.91 4.30 12.89
CA GLY B 160 -9.59 4.58 14.29
C GLY B 160 -9.37 3.30 15.06
N TYR B 161 -8.95 3.43 16.32
CA TYR B 161 -8.66 2.31 17.21
C TYR B 161 -9.92 1.87 18.00
N ASN B 162 -10.52 0.71 17.62
CA ASN B 162 -11.69 0.01 18.22
C ASN B 162 -12.88 0.90 18.61
N GLY B 163 -13.41 1.64 17.64
CA GLY B 163 -14.54 2.53 17.89
C GLY B 163 -14.17 3.99 18.13
N ARG B 164 -12.92 4.25 18.59
CA ARG B 164 -12.45 5.63 18.82
C ARG B 164 -12.23 6.32 17.44
N PRO B 165 -12.30 7.67 17.25
CA PRO B 165 -12.08 8.21 15.89
C PRO B 165 -10.60 8.16 15.47
N ALA B 166 -10.38 8.15 14.14
CA ALA B 166 -9.04 8.15 13.56
C ALA B 166 -8.37 9.51 13.78
N HIS B 167 -7.00 9.57 13.75
CA HIS B 167 -6.28 10.84 13.95
C HIS B 167 -6.74 11.90 12.96
N TYR B 168 -7.04 11.50 11.72
CA TYR B 168 -7.52 12.35 10.64
C TYR B 168 -8.85 13.00 11.01
N GLU B 169 -9.82 12.20 11.51
CA GLU B 169 -11.12 12.71 11.95
C GLU B 169 -10.95 13.68 13.14
N LEU B 170 -10.07 13.32 14.11
CA LEU B 170 -9.76 14.15 15.27
C LEU B 170 -9.15 15.51 14.82
N LEU B 171 -8.31 15.51 13.75
CA LEU B 171 -7.72 16.73 13.20
C LEU B 171 -8.80 17.62 12.61
N LEU B 172 -9.70 17.05 11.80
CA LEU B 172 -10.80 17.79 11.20
C LEU B 172 -11.70 18.39 12.29
N ARG B 173 -12.00 17.60 13.34
CA ARG B 173 -12.80 18.04 14.48
C ARG B 173 -12.12 19.20 15.22
N GLY B 175 -10.11 21.51 13.80
CA GLY B 175 -10.30 22.66 12.91
C GLY B 175 -11.69 23.23 13.03
N GLU B 176 -12.71 22.34 13.06
CA GLU B 176 -14.13 22.70 13.23
C GLU B 176 -14.32 23.41 14.57
N ALA B 177 -13.65 22.90 15.65
CA ALA B 177 -13.73 23.53 16.97
C ALA B 177 -13.11 24.93 16.99
N LEU B 178 -12.15 25.18 16.07
CA LEU B 178 -11.44 26.44 15.95
C LEU B 178 -12.17 27.42 15.00
N GLY B 179 -13.35 27.02 14.55
CA GLY B 179 -14.22 27.85 13.72
C GLY B 179 -14.15 27.64 12.23
N PRO B 181 -15.13 25.41 9.16
CA PRO B 181 -15.91 24.23 8.75
C PRO B 181 -15.08 23.27 7.93
N ARG B 182 -15.35 21.98 8.07
CA ARG B 182 -14.70 20.85 7.39
C ARG B 182 -14.57 21.07 5.86
N GLU B 183 -15.63 21.57 5.22
CA GLU B 183 -15.72 21.87 3.78
C GLU B 183 -14.59 22.82 3.37
N LYS B 184 -14.34 23.90 4.16
CA LYS B 184 -13.30 24.88 3.90
C LYS B 184 -11.92 24.26 4.12
N ILE B 185 -11.74 23.44 5.20
CA ILE B 185 -10.46 22.77 5.49
C ILE B 185 -10.04 21.91 4.29
N LEU B 186 -10.97 21.02 3.86
CA LEU B 186 -10.74 20.06 2.79
C LEU B 186 -10.53 20.68 1.41
N SER B 187 -11.06 21.88 1.15
CA SER B 187 -10.93 22.53 -0.15
C SER B 187 -9.66 23.41 -0.23
N THR B 188 -8.95 23.54 0.89
CA THR B 188 -7.72 24.34 0.95
C THR B 188 -6.55 23.49 0.48
N GLN B 189 -5.96 23.87 -0.65
CA GLN B 189 -4.80 23.25 -1.27
C GLN B 189 -3.56 23.37 -0.35
N PRO B 190 -2.63 22.38 -0.33
CA PRO B 190 -1.42 22.55 0.50
C PRO B 190 -0.58 23.76 0.07
N LEU B 191 0.21 24.30 1.01
CA LEU B 191 1.14 25.37 0.68
C LEU B 191 2.32 24.78 -0.15
N PRO B 192 3.09 25.58 -0.92
CA PRO B 192 4.15 24.97 -1.75
C PRO B 192 5.13 24.04 -1.01
N SER B 193 5.50 24.31 0.26
CA SER B 193 6.44 23.50 1.05
C SER B 193 5.84 22.17 1.51
N THR B 194 4.49 22.08 1.67
CA THR B 194 3.79 20.83 1.98
C THR B 194 3.82 20.01 0.71
N GLN B 195 3.61 20.65 -0.45
CA GLN B 195 3.65 19.99 -1.75
C GLN B 195 5.03 19.42 -2.02
N SER B 196 6.06 20.24 -1.81
CA SER B 196 7.45 19.89 -2.00
C SER B 196 7.81 18.70 -1.12
N ALA B 197 7.43 18.74 0.18
CA ALA B 197 7.66 17.67 1.15
C ALA B 197 6.97 16.40 0.74
N ILE B 198 5.69 16.51 0.32
CA ILE B 198 4.91 15.34 -0.10
C ILE B 198 5.58 14.67 -1.32
N LYS B 199 6.06 15.49 -2.25
CA LYS B 199 6.72 15.02 -3.46
C LYS B 199 7.99 14.21 -3.14
N THR B 200 8.79 14.72 -2.18
CA THR B 200 10.02 14.10 -1.70
C THR B 200 9.72 12.74 -1.10
N TRP B 201 8.72 12.67 -0.18
CA TRP B 201 8.30 11.44 0.46
C TRP B 201 7.75 10.46 -0.55
N ARG B 202 6.93 10.94 -1.51
CA ARG B 202 6.38 10.09 -2.58
C ARG B 202 7.50 9.47 -3.42
N LYS B 203 8.51 10.28 -3.80
CA LYS B 203 9.67 9.84 -4.60
C LYS B 203 10.53 8.86 -3.79
N ILE B 204 10.66 9.05 -2.44
CA ILE B 204 11.35 8.07 -1.59
C ILE B 204 10.59 6.73 -1.68
N ALA B 205 9.25 6.77 -1.53
CA ALA B 205 8.41 5.57 -1.56
C ALA B 205 8.46 4.89 -2.93
N GLU B 206 8.54 5.68 -4.02
CA GLU B 206 8.61 5.17 -5.39
C GLU B 206 9.97 4.52 -5.70
N SER B 207 11.07 5.24 -5.39
CA SER B 207 12.40 4.86 -5.84
C SER B 207 13.28 4.16 -4.83
N LYS B 208 13.06 4.33 -3.53
CA LYS B 208 13.94 3.70 -2.53
C LYS B 208 13.34 2.36 -2.03
N THR B 209 14.09 1.68 -1.15
CA THR B 209 13.68 0.41 -0.58
C THR B 209 12.59 0.66 0.45
N TRP B 210 11.72 -0.33 0.69
CA TRP B 210 10.66 -0.20 1.68
C TRP B 210 11.25 0.15 3.06
N LEU B 211 12.48 -0.33 3.36
CA LEU B 211 13.16 -0.11 4.63
C LEU B 211 13.49 1.36 4.79
N GLU B 212 14.04 1.98 3.74
CA GLU B 212 14.34 3.41 3.69
C GLU B 212 13.09 4.25 3.84
N THR B 213 12.00 3.83 3.18
CA THR B 213 10.70 4.48 3.24
C THR B 213 10.14 4.40 4.68
N ALA B 215 11.91 3.98 7.53
CA ALA B 215 12.75 4.82 8.39
C ALA B 215 12.41 6.29 8.17
N SER B 216 12.24 6.70 6.89
CA SER B 216 11.93 8.08 6.49
C SER B 216 10.64 8.61 7.09
N HIS B 218 8.55 6.88 9.76
CA HIS B 218 8.36 6.68 11.21
C HIS B 218 9.30 7.52 12.06
N SER B 219 10.46 7.98 11.51
CA SER B 219 11.39 8.86 12.21
CA SER B 219 11.38 8.86 12.22
C SER B 219 10.71 10.18 12.55
N LEU B 220 9.75 10.60 11.71
CA LEU B 220 9.02 11.87 11.87
C LEU B 220 8.09 11.86 13.08
N GLU B 221 7.64 10.66 13.51
CA GLU B 221 6.76 10.45 14.67
C GLU B 221 7.43 10.88 15.97
N LEU B 222 8.77 11.03 15.93
CA LEU B 222 9.58 11.51 17.06
C LEU B 222 9.18 12.94 17.42
N VAL B 223 8.53 13.67 16.49
CA VAL B 223 8.09 15.04 16.74
C VAL B 223 7.14 15.09 17.96
N ALA B 224 6.21 14.13 18.09
CA ALA B 224 5.24 14.06 19.18
C ALA B 224 5.64 13.05 20.29
N ASP B 225 6.88 12.51 20.24
CA ASP B 225 7.43 11.57 21.23
C ASP B 225 7.75 12.36 22.49
N ARG B 226 6.99 12.17 23.57
CA ARG B 226 7.21 12.98 24.76
C ARG B 226 8.47 12.56 25.60
N SER B 227 9.19 11.52 25.17
CA SER B 227 10.39 11.06 25.87
C SER B 227 11.65 11.83 25.44
N LEU B 228 11.58 12.53 24.31
CA LEU B 228 12.69 13.26 23.69
C LEU B 228 13.48 14.17 24.64
N VAL B 229 12.83 14.83 25.62
CA VAL B 229 13.48 15.71 26.60
C VAL B 229 14.51 14.92 27.46
N LYS B 230 14.32 13.59 27.56
CA LYS B 230 15.17 12.68 28.32
C LYS B 230 16.47 12.44 27.57
N TYR B 231 16.45 12.63 26.25
CA TYR B 231 17.59 12.48 25.36
C TYR B 231 18.15 13.81 24.84
N GLY B 232 17.77 14.93 25.45
CA GLY B 232 18.35 16.21 25.06
C GLY B 232 17.48 17.24 24.37
N ALA B 233 16.18 16.93 24.13
CA ALA B 233 15.29 17.92 23.50
C ALA B 233 15.16 19.14 24.44
N LYS B 234 15.35 20.33 23.91
CA LYS B 234 15.32 21.54 24.76
C LYS B 234 13.88 21.98 25.05
N LEU B 235 12.90 21.43 24.33
CA LEU B 235 11.49 21.78 24.45
C LEU B 235 10.58 20.58 24.27
N PRO B 236 9.34 20.60 24.84
CA PRO B 236 8.37 19.57 24.44
C PRO B 236 7.77 20.00 23.08
N TYR B 237 6.89 19.16 22.49
CA TYR B 237 6.19 19.49 21.24
C TYR B 237 5.32 20.75 21.46
N PHE B 238 4.66 20.80 22.62
CA PHE B 238 3.82 21.86 23.11
C PHE B 238 3.83 21.82 24.62
N ASN B 239 3.32 22.88 25.28
CA ASN B 239 3.18 22.95 26.73
C ASN B 239 2.18 21.86 27.17
N PRO B 240 2.60 20.86 27.99
CA PRO B 240 1.67 19.78 28.36
C PRO B 240 0.43 20.25 29.12
N GLU B 241 0.48 21.48 29.70
CA GLU B 241 -0.63 22.14 30.40
C GLU B 241 -1.86 22.30 29.52
N ILE B 242 -1.67 22.40 28.18
CA ILE B 242 -2.73 22.56 27.18
C ILE B 242 -3.72 21.39 27.27
N LEU B 243 -3.23 20.20 27.60
CA LEU B 243 -4.07 19.01 27.68
C LEU B 243 -5.02 19.04 28.89
N SER B 244 -4.81 19.96 29.85
CA SER B 244 -5.66 20.04 31.04
C SER B 244 -6.37 21.41 31.22
N SER B 245 -5.82 22.52 30.66
CA SER B 245 -6.43 23.84 30.81
C SER B 245 -7.75 24.01 29.99
N ASP B 246 -8.62 24.92 30.48
CA ASP B 246 -9.92 25.28 29.91
C ASP B 246 -9.76 26.32 28.78
N GLU B 247 -8.50 26.73 28.54
CA GLU B 247 -8.07 27.72 27.58
C GLU B 247 -8.31 27.28 26.11
N TYR B 248 -8.23 25.98 25.80
CA TYR B 248 -8.39 25.45 24.44
C TYR B 248 -9.65 24.58 24.32
N PRO B 249 -10.31 24.52 23.14
CA PRO B 249 -11.49 23.63 23.01
C PRO B 249 -11.10 22.18 23.21
N GLN B 250 -12.06 21.36 23.69
CA GLN B 250 -11.85 19.92 23.96
C GLN B 250 -11.28 19.19 22.73
N ALA B 251 -11.74 19.54 21.51
CA ALA B 251 -11.28 18.94 20.25
C ALA B 251 -9.76 19.11 20.03
N VAL B 252 -9.20 20.23 20.53
CA VAL B 252 -7.75 20.50 20.46
C VAL B 252 -7.04 19.47 21.35
N LYS B 253 -7.49 19.36 22.62
CA LYS B 253 -6.99 18.41 23.60
C LYS B 253 -7.13 16.98 23.06
N ASP B 254 -8.29 16.65 22.47
CA ASP B 254 -8.59 15.34 21.89
C ASP B 254 -7.57 14.93 20.83
N PHE B 255 -7.21 15.86 19.92
CA PHE B 255 -6.26 15.56 18.87
C PHE B 255 -4.84 15.42 19.41
N LEU B 256 -4.34 16.41 20.17
CA LEU B 256 -2.97 16.47 20.68
C LEU B 256 -2.63 15.37 21.68
N ARG B 257 -3.63 14.88 22.43
CA ARG B 257 -3.43 13.84 23.45
C ARG B 257 -3.07 12.50 22.81
N GLU B 258 -3.46 12.28 21.53
CA GLU B 258 -3.19 11.04 20.83
C GLU B 258 -1.70 10.77 20.68
N GLY B 259 -0.98 11.71 20.06
CA GLY B 259 0.46 11.60 19.89
C GLY B 259 1.17 11.59 21.23
N TYR B 260 0.64 12.37 22.21
CA TYR B 260 1.12 12.51 23.59
C TYR B 260 1.17 11.18 24.35
N GLU B 261 0.29 10.22 24.04
CA GLU B 261 0.32 8.94 24.75
C GLU B 261 0.84 7.79 23.86
N ALA B 262 0.73 7.93 22.53
CA ALA B 262 1.08 6.86 21.62
C ALA B 262 2.47 6.88 20.98
N ASP B 263 2.95 8.04 20.53
CA ASP B 263 4.15 8.15 19.69
C ASP B 263 5.48 7.78 20.38
N VAL B 264 5.57 7.81 21.72
CA VAL B 264 6.78 7.41 22.44
C VAL B 264 7.06 5.89 22.18
N SER B 265 6.03 5.04 22.36
CA SER B 265 6.10 3.60 22.12
C SER B 265 6.00 3.26 20.61
N HIS B 266 5.28 4.08 19.83
CA HIS B 266 5.08 3.86 18.39
C HIS B 266 6.36 4.10 17.57
N ALA B 267 7.01 5.28 17.75
CA ALA B 267 8.26 5.61 17.06
C ALA B 267 9.38 4.62 17.47
N GLY B 268 9.40 4.27 18.77
CA GLY B 268 10.34 3.30 19.34
C GLY B 268 10.29 1.94 18.68
N GLU B 269 9.07 1.40 18.52
CA GLU B 269 8.77 0.09 17.91
C GLU B 269 9.18 0.05 16.42
N ALA B 270 8.89 1.13 15.69
CA ALA B 270 9.21 1.26 14.27
C ALA B 270 10.74 1.30 14.06
N LEU B 271 11.46 2.15 14.83
CA LEU B 271 12.90 2.34 14.74
C LEU B 271 13.65 1.09 15.18
N GLU B 272 13.09 0.33 16.12
CA GLU B 272 13.63 -0.95 16.57
C GLU B 272 13.64 -1.91 15.37
N VAL B 274 13.47 -0.96 12.17
CA VAL B 274 14.34 -0.33 11.18
C VAL B 274 15.79 -0.75 11.47
N GLU B 275 16.26 -0.61 12.72
CA GLU B 275 17.61 -1.02 13.15
C GLU B 275 17.90 -2.49 12.82
N LYS B 276 16.95 -3.39 13.14
CA LYS B 276 17.04 -4.84 12.92
C LYS B 276 17.28 -5.18 11.44
N TYR B 277 16.41 -4.68 10.55
CA TYR B 277 16.48 -4.98 9.12
C TYR B 277 17.61 -4.24 8.41
N THR B 278 18.05 -3.10 8.96
CA THR B 278 19.18 -2.36 8.39
C THR B 278 20.48 -3.18 8.61
N GLU B 279 20.62 -3.85 9.77
CA GLU B 279 21.75 -4.73 10.07
C GLU B 279 21.75 -5.92 9.11
N GLU B 280 20.60 -6.63 9.01
CA GLU B 280 20.37 -7.79 8.14
C GLU B 280 20.66 -7.48 6.67
N GLU B 282 22.51 -4.84 5.60
CA GLU B 282 23.79 -4.09 5.59
C GLU B 282 23.66 -2.78 4.77
N LYS B 284 23.14 0.58 6.58
CA LYS B 284 23.12 1.66 7.56
C LYS B 284 23.23 3.05 6.94
N GLU B 285 24.26 3.28 6.13
CA GLU B 285 24.48 4.59 5.54
C GLU B 285 23.37 5.00 4.57
N GLN B 286 22.90 4.09 3.72
CA GLN B 286 21.86 4.42 2.79
C GLN B 286 20.58 4.86 3.55
N VAL B 287 20.24 4.17 4.65
CA VAL B 287 19.09 4.49 5.49
C VAL B 287 19.35 5.85 6.20
N GLN B 288 20.58 6.09 6.70
CA GLN B 288 20.95 7.35 7.34
C GLN B 288 20.82 8.52 6.35
N ILE B 289 21.35 8.37 5.13
CA ILE B 289 21.23 9.38 4.07
C ILE B 289 19.74 9.75 3.87
N THR B 290 18.90 8.76 3.54
CA THR B 290 17.47 8.95 3.21
C THR B 290 16.68 9.57 4.38
N VAL B 291 16.92 9.15 5.65
CA VAL B 291 16.30 9.73 6.84
C VAL B 291 16.61 11.24 6.90
N LEU B 292 17.86 11.65 6.60
CA LEU B 292 18.27 13.05 6.62
C LEU B 292 17.53 13.81 5.58
N LYS B 293 17.32 13.20 4.40
CA LYS B 293 16.55 13.77 3.30
C LYS B 293 15.08 13.92 3.70
N SER B 294 14.54 12.97 4.49
CA SER B 294 13.17 13.05 5.00
C SER B 294 13.04 14.18 6.03
N PHE B 295 14.12 14.44 6.78
CA PHE B 295 14.22 15.50 7.80
C PHE B 295 14.14 16.86 7.12
N ASP B 296 14.80 17.02 5.95
CA ASP B 296 14.72 18.24 5.13
C ASP B 296 13.30 18.51 4.63
N ALA B 297 12.61 17.48 4.15
CA ALA B 297 11.19 17.54 3.76
C ALA B 297 10.29 17.94 4.96
N PHE B 298 10.50 17.30 6.13
CA PHE B 298 9.69 17.54 7.34
C PHE B 298 9.86 18.96 7.85
N SER B 299 11.07 19.53 7.77
CA SER B 299 11.30 20.89 8.23
C SER B 299 10.51 21.87 7.34
N LYS B 300 10.56 21.69 6.00
CA LYS B 300 9.80 22.46 4.99
C LYS B 300 8.29 22.39 5.32
N TYR B 301 7.80 21.17 5.56
CA TYR B 301 6.41 20.88 5.88
C TYR B 301 6.02 21.57 7.22
N LEU B 302 6.89 21.53 8.23
CA LEU B 302 6.60 22.20 9.50
C LEU B 302 6.57 23.73 9.30
N LEU B 303 7.37 24.26 8.35
CA LEU B 303 7.38 25.68 7.98
C LEU B 303 6.05 26.08 7.38
N ALA B 304 5.49 25.21 6.50
CA ALA B 304 4.22 25.40 5.82
C ALA B 304 3.10 25.54 6.83
N ARG B 305 3.17 24.75 7.92
CA ARG B 305 2.19 24.82 8.99
C ARG B 305 2.19 26.23 9.59
N LEU B 306 3.40 26.75 9.87
CA LEU B 306 3.63 28.06 10.44
C LEU B 306 3.24 29.15 9.47
N GLU B 307 3.65 29.02 8.20
CA GLU B 307 3.30 30.06 7.22
C GLU B 307 1.76 30.11 6.95
N ARG B 308 1.06 28.96 7.10
CA ARG B 308 -0.40 28.95 7.00
C ARG B 308 -0.98 29.79 8.20
N GLY B 309 -0.32 29.67 9.36
CA GLY B 309 -0.67 30.43 10.55
C GLY B 309 -0.54 31.93 10.37
N PHE B 310 0.50 32.34 9.61
CA PHE B 310 0.82 33.72 9.24
C PHE B 310 -0.30 34.31 8.41
N GLU B 311 -0.83 33.50 7.45
CA GLU B 311 -1.93 33.88 6.56
C GLU B 311 -3.19 34.21 7.35
N ILE B 312 -3.48 33.43 8.39
CA ILE B 312 -4.63 33.58 9.28
C ILE B 312 -4.37 34.70 10.33
N GLU B 313 -3.15 34.74 10.92
CA GLU B 313 -2.77 35.69 11.96
C GLU B 313 -1.54 36.51 11.63
N PRO B 314 -1.73 37.77 11.17
CA PRO B 314 -0.57 38.63 10.89
C PRO B 314 0.37 38.84 12.11
N SER B 315 -0.22 38.91 13.34
CA SER B 315 0.51 39.11 14.60
C SER B 315 1.47 37.94 14.87
N LEU B 316 1.14 36.75 14.38
CA LEU B 316 1.98 35.57 14.53
C LEU B 316 3.28 35.73 13.68
N LEU B 317 3.20 36.23 12.46
CA LEU B 317 4.39 36.51 11.63
C LEU B 317 5.29 37.53 12.34
N LYS B 318 4.66 38.63 12.78
CA LYS B 318 5.32 39.74 13.44
C LYS B 318 6.06 39.30 14.70
N ARG B 319 5.47 38.37 15.46
CA ARG B 319 6.06 37.83 16.70
C ARG B 319 7.29 36.96 16.40
N VAL B 320 7.19 36.05 15.41
CA VAL B 320 8.25 35.10 15.01
C VAL B 320 9.49 35.86 14.49
N ILE B 321 9.29 36.97 13.76
CA ILE B 321 10.38 37.76 13.17
C ILE B 321 10.83 38.92 14.07
N LYS B 322 10.14 39.22 15.20
CA LYS B 322 10.43 40.32 16.17
C LYS B 322 11.93 40.50 16.52
#